data_4FLK
#
_entry.id   4FLK
#
_cell.length_a   47.777
_cell.length_b   77.506
_cell.length_c   48.620
_cell.angle_alpha   90.000
_cell.angle_beta   90.430
_cell.angle_gamma   90.000
#
_symmetry.space_group_name_H-M   'P 1 21 1'
#
loop_
_entity.id
_entity.type
_entity.pdbx_description
1 polymer 'Methionine aminopeptidase 1'
2 non-polymer 'MANGANESE (II) ION'
3 non-polymer (E,2R,3R,4S,5R)-N-(2,3-dihydro-1H-inden-2-yl)-2-methoxy-8,8-dimethyl-3,4,5-tris(oxidanyl)non-6-enamide
4 non-polymer 'SODIUM ION'
5 water water
#
_entity_poly.entity_id   1
_entity_poly.type   'polypeptide(L)'
_entity_poly.pdbx_seq_one_letter_code
;MYRYTGKLRPHYPLMPTRPVPSYIQRPDYADHPLGMSESEQALKGTSQIKLLSSEDIEGMRLVCRLAREVLDVAAGMIKP
GVTTEEIDHAVHLACIARNCYPSPLNYYNFPKSCCTSVNEVICHGIPDRRPLQEGDIVNVDITLYRNGYHGDLNETFFVG
EVDDGARKLVQTTYECLMQAIDAVKPGVRYRELGNIIQKHAQANGFSVVRSYCGHGIHKLFHTAPNVPHYAKNKAVGVMK
SGHVFTIEPMICEGGWQDETWPDGWTAVTRDGKRSAQFEHTLLVTDTGCEILTRRLDSARPHFMSQFEFELVDKLAAALE
HHHHHH
;
_entity_poly.pdbx_strand_id   A
#
# COMPACT_ATOMS: atom_id res chain seq x y z
N TYR A 2 -4.33 -5.45 -26.53
CA TYR A 2 -4.19 -4.37 -25.50
C TYR A 2 -3.35 -3.15 -25.97
N ARG A 3 -3.91 -1.94 -25.86
CA ARG A 3 -3.15 -0.76 -26.10
C ARG A 3 -2.63 -0.22 -24.75
N TYR A 4 -1.33 -0.30 -24.60
CA TYR A 4 -0.70 0.24 -23.34
C TYR A 4 -0.92 1.76 -23.29
N THR A 5 -0.97 2.34 -22.09
CA THR A 5 -1.33 3.75 -21.94
C THR A 5 -0.10 4.63 -21.88
N GLY A 6 1.07 4.05 -21.65
CA GLY A 6 2.32 4.76 -21.68
C GLY A 6 3.47 3.89 -22.18
N LYS A 7 4.65 4.14 -21.65
CA LYS A 7 5.89 3.51 -22.09
C LYS A 7 6.17 2.16 -21.36
N LEU A 8 5.56 1.96 -20.17
CA LEU A 8 5.88 0.73 -19.47
C LEU A 8 5.22 -0.47 -20.16
N ARG A 9 5.93 -1.61 -20.04
CA ARG A 9 5.46 -2.89 -20.44
C ARG A 9 5.82 -3.96 -19.39
N PRO A 10 4.99 -5.02 -19.31
CA PRO A 10 5.41 -6.14 -18.43
C PRO A 10 6.66 -6.81 -19.05
N HIS A 11 7.49 -7.34 -18.22
CA HIS A 11 8.75 -8.01 -18.68
C HIS A 11 8.71 -9.42 -18.12
N TYR A 12 8.35 -10.33 -19.06
CA TYR A 12 8.19 -11.75 -18.78
C TYR A 12 9.33 -12.60 -19.24
N PRO A 13 9.49 -13.85 -18.72
CA PRO A 13 8.61 -14.61 -17.87
C PRO A 13 8.80 -14.15 -16.41
N LEU A 14 7.79 -14.46 -15.58
CA LEU A 14 8.01 -14.33 -14.14
C LEU A 14 8.62 -15.60 -13.59
N MET A 15 9.46 -15.46 -12.56
CA MET A 15 9.94 -16.60 -11.77
C MET A 15 8.81 -17.36 -11.22
N PRO A 16 9.01 -18.69 -11.15
CA PRO A 16 8.03 -19.49 -10.48
C PRO A 16 7.72 -18.93 -9.08
N THR A 17 6.49 -19.18 -8.65
CA THR A 17 5.97 -18.83 -7.34
C THR A 17 7.00 -19.24 -6.27
N ARG A 18 7.28 -18.32 -5.38
CA ARG A 18 8.27 -18.61 -4.30
C ARG A 18 7.57 -19.30 -3.12
N PRO A 19 8.14 -20.44 -2.65
CA PRO A 19 7.50 -21.06 -1.48
C PRO A 19 7.84 -20.30 -0.14
N VAL A 20 6.93 -20.46 0.81
CA VAL A 20 7.18 -19.95 2.15
C VAL A 20 7.28 -21.24 3.03
N PRO A 21 8.37 -21.37 3.82
CA PRO A 21 8.58 -22.64 4.62
C PRO A 21 7.37 -22.87 5.49
N SER A 22 7.06 -24.17 5.73
CA SER A 22 5.81 -24.48 6.42
C SER A 22 5.76 -24.09 7.92
N TYR A 23 6.92 -23.73 8.53
CA TYR A 23 6.95 -23.26 9.91
C TYR A 23 6.39 -21.86 10.08
N ILE A 24 6.22 -21.14 8.95
CA ILE A 24 5.66 -19.79 8.98
C ILE A 24 4.14 -19.89 8.96
N GLN A 25 3.48 -19.23 9.89
CA GLN A 25 2.06 -19.31 9.99
C GLN A 25 1.39 -18.62 8.78
N ARG A 26 0.36 -19.23 8.21
CA ARG A 26 -0.22 -18.78 6.94
C ARG A 26 -1.63 -18.26 7.11
N PRO A 27 -2.05 -17.20 6.40
CA PRO A 27 -3.38 -16.76 6.39
C PRO A 27 -4.30 -17.77 5.56
N ASP A 28 -5.60 -17.58 5.76
CA ASP A 28 -6.52 -18.64 5.22
C ASP A 28 -6.41 -18.73 3.71
N TYR A 29 -6.26 -17.58 3.02
CA TYR A 29 -6.25 -17.64 1.56
C TYR A 29 -4.97 -18.23 0.94
N ALA A 30 -3.92 -18.39 1.73
CA ALA A 30 -2.66 -18.86 1.20
C ALA A 30 -2.77 -20.25 0.58
N ASP A 31 -3.76 -20.99 1.07
CA ASP A 31 -3.92 -22.39 0.58
C ASP A 31 -5.31 -22.59 -0.06
N HIS A 32 -6.04 -21.53 -0.30
CA HIS A 32 -7.19 -21.60 -1.16
C HIS A 32 -6.76 -21.55 -2.64
N PRO A 33 -7.31 -22.43 -3.50
CA PRO A 33 -6.83 -22.49 -4.87
C PRO A 33 -7.03 -21.20 -5.74
N LEU A 34 -8.04 -20.42 -5.44
CA LEU A 34 -8.29 -19.12 -6.08
C LEU A 34 -7.81 -17.95 -5.14
N GLY A 35 -7.15 -18.35 -4.06
CA GLY A 35 -6.69 -17.30 -3.14
C GLY A 35 -7.77 -16.51 -2.50
N MET A 36 -9.00 -17.10 -2.38
CA MET A 36 -10.04 -16.42 -1.64
C MET A 36 -9.91 -16.56 -0.12
N SER A 37 -10.30 -15.49 0.57
CA SER A 37 -10.18 -15.52 2.05
C SER A 37 -11.62 -15.73 2.64
N GLU A 38 -11.83 -16.88 3.21
CA GLU A 38 -13.19 -17.22 3.64
C GLU A 38 -13.56 -16.34 4.84
N SER A 39 -12.56 -15.96 5.67
CA SER A 39 -12.82 -15.07 6.82
C SER A 39 -13.23 -13.64 6.35
N GLU A 40 -12.58 -13.11 5.30
CA GLU A 40 -13.08 -11.85 4.72
C GLU A 40 -14.47 -12.02 4.02
N GLN A 41 -14.65 -13.14 3.30
CA GLN A 41 -15.92 -13.32 2.58
C GLN A 41 -17.13 -13.40 3.54
N ALA A 42 -16.92 -14.02 4.70
CA ALA A 42 -17.95 -14.14 5.76
C ALA A 42 -18.35 -12.76 6.25
N LEU A 43 -17.44 -11.76 6.11
CA LEU A 43 -17.77 -10.37 6.53
C LEU A 43 -18.12 -9.39 5.39
N LYS A 44 -18.33 -9.88 4.17
CA LYS A 44 -18.57 -8.96 3.03
C LYS A 44 -19.89 -8.22 3.22
N GLY A 45 -20.89 -8.91 3.76
CA GLY A 45 -22.08 -8.24 4.28
C GLY A 45 -21.93 -6.80 4.83
N THR A 46 -20.96 -6.61 5.75
CA THR A 46 -21.01 -5.57 6.80
C THR A 46 -20.09 -4.33 6.78
N SER A 47 -20.59 -3.29 7.45
CA SER A 47 -19.84 -2.06 7.61
C SER A 47 -19.52 -1.77 9.10
N GLN A 48 -19.78 -2.76 9.95
CA GLN A 48 -19.37 -2.81 11.36
C GLN A 48 -17.81 -2.89 11.58
N ILE A 49 -17.26 -2.03 12.46
CA ILE A 49 -15.79 -1.90 12.65
C ILE A 49 -15.35 -2.51 13.98
N LYS A 50 -14.35 -3.37 13.97
CA LYS A 50 -13.79 -3.98 15.17
C LYS A 50 -13.18 -2.93 16.08
N LEU A 51 -13.49 -3.05 17.38
CA LEU A 51 -12.71 -2.34 18.41
C LEU A 51 -11.66 -3.30 18.87
N LEU A 52 -10.41 -2.98 18.58
CA LEU A 52 -9.31 -3.84 18.93
C LEU A 52 -9.08 -3.98 20.48
N SER A 53 -8.98 -5.22 20.91
CA SER A 53 -8.55 -5.50 22.28
C SER A 53 -7.09 -5.07 22.49
N SER A 54 -6.66 -5.08 23.74
CA SER A 54 -5.28 -4.77 24.02
C SER A 54 -4.29 -5.79 23.41
N GLU A 55 -4.63 -7.07 23.44
CA GLU A 55 -3.90 -8.15 22.76
C GLU A 55 -3.80 -7.88 21.21
N ASP A 56 -4.89 -7.41 20.65
CA ASP A 56 -4.97 -7.13 19.18
C ASP A 56 -4.02 -5.96 18.93
N ILE A 57 -4.08 -4.92 19.77
CA ILE A 57 -3.17 -3.77 19.58
C ILE A 57 -1.72 -4.18 19.60
N GLU A 58 -1.35 -5.06 20.52
CA GLU A 58 0.01 -5.48 20.58
C GLU A 58 0.45 -6.24 19.31
N GLY A 59 -0.48 -7.04 18.80
CA GLY A 59 -0.26 -7.87 17.63
C GLY A 59 -0.11 -6.92 16.41
N MET A 60 -0.96 -5.93 16.35
CA MET A 60 -0.75 -4.86 15.30
C MET A 60 0.51 -4.05 15.43
N ARG A 61 0.91 -3.63 16.63
CA ARG A 61 2.18 -2.93 16.73
C ARG A 61 3.29 -3.76 16.25
N LEU A 62 3.37 -5.05 16.60
CA LEU A 62 4.49 -5.84 16.16
C LEU A 62 4.47 -6.05 14.64
N VAL A 63 3.40 -6.54 14.03
CA VAL A 63 3.47 -6.81 12.60
C VAL A 63 3.77 -5.52 11.80
N CYS A 64 3.24 -4.37 12.23
CA CYS A 64 3.53 -3.11 11.49
C CYS A 64 4.97 -2.67 11.65
N ARG A 65 5.60 -2.92 12.82
CA ARG A 65 7.03 -2.61 12.96
C ARG A 65 7.82 -3.51 12.06
N LEU A 66 7.52 -4.83 12.00
CA LEU A 66 8.27 -5.73 11.09
C LEU A 66 8.04 -5.36 9.60
N ALA A 67 6.83 -4.92 9.25
CA ALA A 67 6.53 -4.49 7.86
C ALA A 67 7.39 -3.26 7.49
N ARG A 68 7.49 -2.31 8.44
CA ARG A 68 8.43 -1.19 8.21
C ARG A 68 9.83 -1.61 8.00
N GLU A 69 10.30 -2.56 8.81
CA GLU A 69 11.66 -3.07 8.58
C GLU A 69 11.84 -3.60 7.18
N VAL A 70 10.84 -4.33 6.67
CA VAL A 70 10.98 -4.91 5.33
C VAL A 70 10.85 -3.87 4.24
N LEU A 71 9.99 -2.83 4.38
CA LEU A 71 9.98 -1.71 3.40
C LEU A 71 11.39 -1.06 3.38
N ASP A 72 11.98 -0.90 4.56
CA ASP A 72 13.32 -0.25 4.57
C ASP A 72 14.31 -1.09 3.88
N VAL A 73 14.25 -2.44 3.95
CA VAL A 73 15.17 -3.25 3.14
C VAL A 73 14.96 -2.93 1.67
N ALA A 74 13.73 -2.91 1.18
CA ALA A 74 13.47 -2.62 -0.19
C ALA A 74 13.96 -1.23 -0.64
N ALA A 75 13.76 -0.24 0.25
CA ALA A 75 14.24 1.14 0.01
C ALA A 75 15.74 1.20 -0.30
N GLY A 76 16.45 0.36 0.43
CA GLY A 76 17.93 0.24 0.27
C GLY A 76 18.37 -0.25 -1.03
N MET A 77 17.48 -0.87 -1.79
CA MET A 77 17.84 -1.53 -3.06
C MET A 77 17.50 -0.68 -4.30
N ILE A 78 16.85 0.48 -4.10
CA ILE A 78 16.34 1.25 -5.21
C ILE A 78 17.50 2.00 -5.95
N LYS A 79 17.86 1.47 -7.10
CA LYS A 79 18.88 2.18 -7.94
C LYS A 79 18.66 1.65 -9.33
N PRO A 80 19.15 2.38 -10.37
CA PRO A 80 19.14 1.90 -11.77
C PRO A 80 19.70 0.50 -11.94
N GLY A 81 18.99 -0.27 -12.72
CA GLY A 81 19.46 -1.58 -13.16
C GLY A 81 19.01 -2.76 -12.30
N VAL A 82 18.45 -2.46 -11.13
CA VAL A 82 17.87 -3.49 -10.24
C VAL A 82 16.41 -3.82 -10.75
N THR A 83 16.08 -5.12 -10.86
CA THR A 83 14.75 -5.46 -11.34
C THR A 83 13.80 -5.44 -10.17
N THR A 84 12.55 -5.25 -10.59
CA THR A 84 11.54 -5.32 -9.49
C THR A 84 11.38 -6.74 -8.97
N GLU A 85 11.61 -7.80 -9.78
CA GLU A 85 11.69 -9.17 -9.19
C GLU A 85 12.79 -9.32 -8.14
N GLU A 86 13.98 -8.70 -8.37
CA GLU A 86 15.00 -8.84 -7.42
C GLU A 86 14.63 -8.15 -6.06
N ILE A 87 13.91 -7.03 -6.14
CA ILE A 87 13.38 -6.34 -4.92
C ILE A 87 12.39 -7.32 -4.23
N ASP A 88 11.51 -7.96 -5.02
CA ASP A 88 10.52 -8.90 -4.43
C ASP A 88 11.23 -10.03 -3.78
N HIS A 89 12.28 -10.58 -4.45
CA HIS A 89 13.02 -11.71 -3.80
C HIS A 89 13.60 -11.33 -2.46
N ALA A 90 14.20 -10.14 -2.40
CA ALA A 90 14.71 -9.69 -1.12
C ALA A 90 13.63 -9.51 -0.07
N VAL A 91 12.43 -8.96 -0.49
CA VAL A 91 11.31 -8.78 0.45
C VAL A 91 10.88 -10.12 0.98
N HIS A 92 10.74 -11.10 0.07
CA HIS A 92 10.23 -12.42 0.46
C HIS A 92 11.18 -13.05 1.53
N LEU A 93 12.50 -12.95 1.26
CA LEU A 93 13.48 -13.54 2.29
C LEU A 93 13.40 -12.76 3.61
N ALA A 94 13.18 -11.45 3.51
CA ALA A 94 13.14 -10.58 4.69
C ALA A 94 11.90 -10.87 5.50
N CYS A 95 10.76 -11.18 4.84
N CYS A 95 10.80 -11.20 4.83
CA CYS A 95 9.56 -11.54 5.65
CA CYS A 95 9.59 -11.55 5.56
C CYS A 95 9.88 -12.88 6.38
C CYS A 95 9.88 -12.88 6.35
N ILE A 96 10.35 -13.88 5.60
CA ILE A 96 10.64 -15.21 6.21
C ILE A 96 11.65 -15.13 7.38
N ALA A 97 12.66 -14.25 7.23
CA ALA A 97 13.59 -13.95 8.37
C ALA A 97 12.96 -13.48 9.66
N ARG A 98 11.85 -12.75 9.52
CA ARG A 98 11.02 -12.23 10.59
C ARG A 98 9.86 -13.10 10.99
N ASN A 99 9.88 -14.36 10.53
CA ASN A 99 8.81 -15.34 10.81
C ASN A 99 7.47 -14.87 10.44
N CYS A 100 7.44 -14.13 9.30
CA CYS A 100 6.16 -13.59 8.80
C CYS A 100 5.89 -14.17 7.39
N TYR A 101 4.60 -14.23 7.07
CA TYR A 101 4.17 -14.56 5.66
C TYR A 101 3.95 -13.24 4.90
N PRO A 102 4.41 -13.20 3.65
CA PRO A 102 4.17 -12.01 2.76
C PRO A 102 2.72 -11.98 2.33
N SER A 103 1.94 -11.14 2.98
CA SER A 103 0.45 -11.19 2.83
C SER A 103 0.02 -11.17 1.34
N PRO A 104 0.63 -10.43 0.43
CA PRO A 104 0.11 -10.43 -0.94
C PRO A 104 0.19 -11.78 -1.65
N LEU A 105 1.08 -12.67 -1.20
CA LEU A 105 1.41 -13.88 -2.02
C LEU A 105 0.11 -14.82 -1.98
N ASN A 106 -0.44 -15.03 -3.18
CA ASN A 106 -1.69 -15.80 -3.37
C ASN A 106 -2.87 -15.14 -2.89
N TYR A 107 -2.86 -13.86 -2.55
CA TYR A 107 -4.09 -13.18 -2.18
C TYR A 107 -4.83 -12.93 -3.47
N TYR A 108 -6.01 -13.65 -3.57
CA TYR A 108 -6.71 -13.67 -4.89
C TYR A 108 -5.76 -14.05 -6.05
N ASN A 109 -4.84 -14.98 -5.75
CA ASN A 109 -3.85 -15.46 -6.71
C ASN A 109 -2.83 -14.41 -7.20
N PHE A 110 -2.67 -13.34 -6.39
CA PHE A 110 -1.57 -12.40 -6.72
C PHE A 110 -0.30 -13.22 -6.68
N PRO A 111 0.63 -13.04 -7.67
CA PRO A 111 1.68 -14.02 -7.84
C PRO A 111 3.00 -13.76 -7.10
N LYS A 112 3.08 -12.58 -6.43
CA LYS A 112 4.37 -12.17 -5.81
C LYS A 112 4.16 -11.76 -4.38
N SER A 113 5.25 -11.29 -3.73
CA SER A 113 5.29 -11.09 -2.31
C SER A 113 5.13 -9.63 -1.91
N CYS A 114 5.08 -8.75 -2.93
CA CYS A 114 4.88 -7.29 -2.70
C CYS A 114 4.43 -6.70 -4.06
N CYS A 115 4.04 -5.45 -4.07
CA CYS A 115 3.66 -4.78 -5.28
C CYS A 115 4.68 -3.74 -5.62
N THR A 116 5.10 -3.66 -6.89
CA THR A 116 6.13 -2.63 -7.37
C THR A 116 5.49 -1.89 -8.49
N SER A 117 5.19 -0.63 -8.27
CA SER A 117 4.39 0.21 -9.19
C SER A 117 5.31 1.34 -9.73
N VAL A 118 5.60 1.30 -11.05
CA VAL A 118 6.48 2.28 -11.63
C VAL A 118 5.71 3.28 -12.46
N ASN A 119 6.06 4.60 -12.29
CA ASN A 119 5.54 5.69 -13.21
C ASN A 119 4.07 5.67 -13.41
N GLU A 120 3.46 5.35 -14.57
CA GLU A 120 1.99 5.36 -14.77
C GLU A 120 1.24 4.28 -14.09
N VAL A 121 1.98 3.33 -13.46
CA VAL A 121 1.24 2.38 -12.64
C VAL A 121 0.80 3.04 -11.33
N ILE A 122 -0.50 2.90 -11.10
CA ILE A 122 -1.21 3.48 -9.89
C ILE A 122 -0.95 2.59 -8.66
N CYS A 123 -1.12 1.30 -8.88
CA CYS A 123 -0.86 0.31 -7.78
C CYS A 123 -1.00 -1.11 -8.40
N HIS A 124 -0.59 -2.04 -7.55
CA HIS A 124 -0.69 -3.47 -7.80
C HIS A 124 0.17 -4.00 -8.91
N GLY A 125 1.23 -3.24 -9.19
CA GLY A 125 2.20 -3.72 -10.20
C GLY A 125 2.88 -4.99 -9.68
N ILE A 126 3.15 -5.87 -10.68
CA ILE A 126 3.70 -7.19 -10.41
C ILE A 126 5.21 -7.17 -10.69
N PRO A 127 6.00 -7.47 -9.65
CA PRO A 127 7.48 -7.55 -9.80
C PRO A 127 7.81 -8.46 -10.99
N ASP A 128 8.75 -7.97 -11.82
CA ASP A 128 9.02 -8.71 -13.06
C ASP A 128 10.47 -8.38 -13.47
N ARG A 129 10.82 -8.74 -14.72
CA ARG A 129 12.25 -8.63 -15.12
C ARG A 129 12.71 -7.27 -15.52
N ARG A 130 11.90 -6.24 -15.44
CA ARG A 130 12.27 -4.91 -15.87
C ARG A 130 13.28 -4.30 -14.90
N PRO A 131 14.50 -3.94 -15.39
CA PRO A 131 15.40 -3.12 -14.57
C PRO A 131 14.89 -1.72 -14.45
N LEU A 132 14.99 -1.16 -13.23
CA LEU A 132 14.61 0.23 -12.96
C LEU A 132 15.47 1.18 -13.79
N GLN A 133 14.86 2.26 -14.21
CA GLN A 133 15.60 3.21 -15.07
C GLN A 133 15.81 4.48 -14.33
N GLU A 134 16.91 5.15 -14.62
CA GLU A 134 17.10 6.45 -14.01
C GLU A 134 16.00 7.39 -14.44
N GLY A 135 15.47 8.17 -13.45
CA GLY A 135 14.33 8.99 -13.76
C GLY A 135 12.93 8.39 -13.33
N ASP A 136 12.90 7.06 -13.19
CA ASP A 136 11.63 6.42 -12.73
C ASP A 136 11.27 6.93 -11.34
N ILE A 137 9.94 6.78 -11.06
CA ILE A 137 9.48 6.76 -9.65
C ILE A 137 8.86 5.34 -9.48
N VAL A 138 9.20 4.78 -8.30
CA VAL A 138 8.72 3.38 -8.01
C VAL A 138 8.20 3.39 -6.59
N ASN A 139 6.99 2.78 -6.52
CA ASN A 139 6.40 2.51 -5.23
C ASN A 139 6.59 1.03 -4.89
N VAL A 140 6.96 0.75 -3.63
CA VAL A 140 7.03 -0.63 -3.11
C VAL A 140 6.03 -0.72 -1.96
N ASP A 141 5.13 -1.74 -2.17
CA ASP A 141 3.95 -1.83 -1.19
C ASP A 141 4.16 -3.20 -0.51
N ILE A 142 4.39 -3.14 0.81
CA ILE A 142 4.68 -4.25 1.71
C ILE A 142 3.49 -4.58 2.61
N THR A 143 3.12 -5.88 2.70
CA THR A 143 2.18 -6.26 3.79
C THR A 143 2.72 -7.61 4.36
N LEU A 144 2.80 -7.68 5.70
CA LEU A 144 3.18 -8.90 6.42
C LEU A 144 2.05 -9.38 7.26
N TYR A 145 2.17 -10.72 7.47
CA TYR A 145 1.22 -11.42 8.36
C TYR A 145 2.05 -12.14 9.42
N ARG A 146 1.70 -11.79 10.71
CA ARG A 146 2.39 -12.39 11.87
C ARG A 146 1.38 -12.67 12.98
N ASN A 147 1.43 -13.93 13.51
CA ASN A 147 0.52 -14.27 14.67
C ASN A 147 -0.98 -13.88 14.43
N GLY A 148 -1.49 -13.98 13.19
CA GLY A 148 -2.87 -13.64 12.92
C GLY A 148 -3.18 -12.20 12.42
N TYR A 149 -2.14 -11.31 12.42
CA TYR A 149 -2.39 -9.91 12.08
C TYR A 149 -1.55 -9.49 10.85
N HIS A 150 -2.24 -8.59 10.13
CA HIS A 150 -1.57 -8.03 8.92
C HIS A 150 -1.14 -6.58 9.24
N GLY A 151 -0.02 -6.16 8.61
CA GLY A 151 0.42 -4.79 8.70
C GLY A 151 0.89 -4.29 7.28
N ASP A 152 0.43 -3.09 6.89
CA ASP A 152 0.43 -2.64 5.45
C ASP A 152 1.01 -1.25 5.32
N LEU A 153 2.02 -1.08 4.42
CA LEU A 153 2.46 0.26 4.28
C LEU A 153 3.15 0.33 2.85
N ASN A 154 3.34 1.56 2.36
CA ASN A 154 4.10 1.72 1.06
C ASN A 154 4.70 3.12 1.11
N GLU A 155 5.73 3.20 0.25
CA GLU A 155 6.36 4.49 -0.10
C GLU A 155 6.72 4.53 -1.60
N THR A 156 6.67 5.77 -2.12
CA THR A 156 7.27 5.99 -3.46
C THR A 156 8.71 6.53 -3.31
N PHE A 157 9.54 5.99 -4.19
CA PHE A 157 11.00 6.25 -4.19
C PHE A 157 11.39 6.80 -5.56
N PHE A 158 12.57 7.53 -5.55
CA PHE A 158 13.13 8.07 -6.78
C PHE A 158 14.25 7.11 -7.18
N VAL A 159 14.31 6.90 -8.51
CA VAL A 159 15.41 6.07 -9.07
C VAL A 159 16.49 6.99 -9.71
N GLY A 160 17.53 7.14 -8.92
CA GLY A 160 18.63 8.11 -9.25
C GLY A 160 18.00 9.48 -9.21
N GLU A 161 18.43 10.33 -10.15
CA GLU A 161 17.90 11.71 -10.36
C GLU A 161 16.60 11.78 -11.14
N VAL A 162 15.64 12.49 -10.60
CA VAL A 162 14.35 12.58 -11.28
C VAL A 162 14.00 14.02 -11.64
N ASP A 163 13.00 14.21 -12.50
CA ASP A 163 12.61 15.58 -12.90
C ASP A 163 11.78 16.34 -11.89
N ASP A 164 11.64 17.64 -12.09
CA ASP A 164 10.85 18.46 -11.18
C ASP A 164 9.42 18.00 -10.97
N GLY A 165 8.78 17.56 -12.05
CA GLY A 165 7.41 17.04 -11.99
C GLY A 165 7.32 15.84 -11.05
N ALA A 166 8.27 14.95 -11.16
CA ALA A 166 8.31 13.72 -10.24
C ALA A 166 8.44 14.17 -8.81
N ARG A 167 9.32 15.11 -8.52
CA ARG A 167 9.54 15.59 -7.15
C ARG A 167 8.28 16.23 -6.58
N LYS A 168 7.61 17.08 -7.35
CA LYS A 168 6.35 17.68 -6.91
C LYS A 168 5.24 16.65 -6.69
N LEU A 169 5.13 15.67 -7.59
CA LEU A 169 4.04 14.70 -7.47
C LEU A 169 4.28 13.90 -6.17
N VAL A 170 5.47 13.43 -6.00
CA VAL A 170 5.82 12.62 -4.83
C VAL A 170 5.63 13.42 -3.53
N GLN A 171 6.16 14.65 -3.47
CA GLN A 171 5.97 15.43 -2.28
C GLN A 171 4.54 15.73 -1.98
N THR A 172 3.75 16.08 -2.98
CA THR A 172 2.35 16.37 -2.71
C THR A 172 1.58 15.17 -2.21
N THR A 173 1.88 14.00 -2.81
CA THR A 173 1.24 12.72 -2.38
C THR A 173 1.54 12.47 -0.93
N TYR A 174 2.78 12.65 -0.49
CA TYR A 174 3.13 12.44 0.89
C TYR A 174 2.43 13.44 1.79
N GLU A 175 2.35 14.70 1.35
CA GLU A 175 1.66 15.68 2.15
C GLU A 175 0.17 15.32 2.22
N CYS A 176 -0.49 14.84 1.15
CA CYS A 176 -1.89 14.39 1.24
C CYS A 176 -2.06 13.39 2.32
N LEU A 177 -1.24 12.34 2.34
CA LEU A 177 -1.31 11.31 3.37
C LEU A 177 -1.15 11.89 4.76
N MET A 178 -0.21 12.76 4.98
CA MET A 178 0.05 13.26 6.33
C MET A 178 -1.04 14.22 6.77
N GLN A 179 -1.60 15.03 5.86
CA GLN A 179 -2.67 15.95 6.32
C GLN A 179 -3.84 15.08 6.65
N ALA A 180 -4.08 13.95 5.98
CA ALA A 180 -5.24 13.09 6.37
C ALA A 180 -4.96 12.44 7.75
N ILE A 181 -3.79 11.91 8.02
CA ILE A 181 -3.35 11.39 9.32
C ILE A 181 -3.55 12.43 10.42
N ASP A 182 -3.22 13.67 10.13
CA ASP A 182 -3.27 14.73 11.16
C ASP A 182 -4.71 14.98 11.58
N ALA A 183 -5.64 14.62 10.72
CA ALA A 183 -7.12 14.78 11.06
C ALA A 183 -7.70 13.63 11.82
N VAL A 184 -6.98 12.47 11.96
CA VAL A 184 -7.54 11.26 12.62
C VAL A 184 -7.59 11.47 14.13
N LYS A 185 -8.79 11.22 14.65
CA LYS A 185 -8.96 11.23 16.11
C LYS A 185 -10.39 10.75 16.29
N PRO A 186 -10.70 10.38 17.55
CA PRO A 186 -12.07 9.89 17.75
C PRO A 186 -13.14 10.95 17.48
N GLY A 187 -14.19 10.47 16.84
CA GLY A 187 -15.37 11.26 16.46
C GLY A 187 -15.39 11.87 15.11
N VAL A 188 -14.23 11.73 14.37
CA VAL A 188 -14.24 12.16 13.00
C VAL A 188 -14.77 11.08 12.01
N ARG A 189 -15.52 11.57 11.02
CA ARG A 189 -16.13 10.64 10.06
C ARG A 189 -15.05 10.11 9.05
N TYR A 190 -15.10 8.81 8.77
CA TYR A 190 -14.12 8.30 7.70
C TYR A 190 -14.24 9.02 6.38
N ARG A 191 -15.42 9.49 6.00
CA ARG A 191 -15.64 10.15 4.75
C ARG A 191 -14.95 11.52 4.63
N GLU A 192 -14.53 12.11 5.74
CA GLU A 192 -13.87 13.40 5.76
C GLU A 192 -12.44 13.35 5.18
N LEU A 193 -11.78 12.18 5.29
CA LEU A 193 -10.33 12.18 4.91
C LEU A 193 -10.20 12.44 3.42
N GLY A 194 -11.12 11.93 2.63
CA GLY A 194 -11.18 12.20 1.21
C GLY A 194 -11.31 13.66 0.80
N ASN A 195 -12.05 14.41 1.64
CA ASN A 195 -12.11 15.83 1.40
C ASN A 195 -10.78 16.50 1.57
N ILE A 196 -10.04 16.11 2.63
CA ILE A 196 -8.76 16.73 2.89
C ILE A 196 -7.74 16.40 1.79
N ILE A 197 -7.72 15.13 1.39
CA ILE A 197 -6.75 14.69 0.38
C ILE A 197 -7.00 15.36 -0.98
N GLN A 198 -8.25 15.33 -1.46
CA GLN A 198 -8.55 16.01 -2.73
C GLN A 198 -8.25 17.53 -2.72
N LYS A 199 -8.60 18.15 -1.60
CA LYS A 199 -8.34 19.59 -1.52
C LYS A 199 -6.87 19.88 -1.79
N HIS A 200 -5.97 19.13 -1.13
CA HIS A 200 -4.54 19.40 -1.29
C HIS A 200 -4.02 18.92 -2.69
N ALA A 201 -4.49 17.79 -3.19
CA ALA A 201 -4.09 17.36 -4.55
C ALA A 201 -4.48 18.42 -5.62
N GLN A 202 -5.73 18.88 -5.50
CA GLN A 202 -6.33 19.83 -6.48
C GLN A 202 -5.54 21.15 -6.43
N ALA A 203 -5.09 21.56 -5.24
CA ALA A 203 -4.31 22.80 -5.08
C ALA A 203 -2.97 22.78 -5.76
N ASN A 204 -2.48 21.57 -6.06
CA ASN A 204 -1.23 21.33 -6.71
C ASN A 204 -1.42 20.81 -8.15
N GLY A 205 -2.67 20.87 -8.62
CA GLY A 205 -2.97 20.53 -10.04
C GLY A 205 -2.95 19.01 -10.37
N PHE A 206 -3.22 18.24 -9.30
CA PHE A 206 -3.21 16.78 -9.45
C PHE A 206 -4.54 16.24 -9.17
N SER A 207 -4.77 14.98 -9.58
CA SER A 207 -6.05 14.35 -9.37
C SER A 207 -5.95 13.13 -8.45
N VAL A 208 -7.10 12.66 -7.95
CA VAL A 208 -7.18 11.56 -6.96
C VAL A 208 -7.89 10.32 -7.54
N VAL A 209 -7.20 9.16 -7.56
CA VAL A 209 -7.79 7.89 -7.96
C VAL A 209 -8.99 7.58 -7.12
N ARG A 210 -9.99 7.13 -7.84
CA ARG A 210 -11.29 6.79 -7.24
C ARG A 210 -11.54 5.28 -7.03
N SER A 211 -10.85 4.42 -7.76
CA SER A 211 -11.26 3.03 -7.81
C SER A 211 -10.75 2.12 -6.66
N TYR A 212 -9.80 2.67 -5.90
CA TYR A 212 -9.02 1.96 -4.87
C TYR A 212 -9.02 2.82 -3.63
N CYS A 213 -9.22 2.16 -2.49
N CYS A 213 -9.22 2.17 -2.48
CA CYS A 213 -9.41 2.87 -1.19
CA CYS A 213 -9.31 2.88 -1.18
C CYS A 213 -8.53 2.30 -0.08
C CYS A 213 -8.48 2.29 -0.05
N GLY A 214 -8.36 3.05 1.04
CA GLY A 214 -7.82 2.50 2.25
C GLY A 214 -8.91 1.68 2.94
N HIS A 215 -8.51 1.00 4.00
CA HIS A 215 -9.33 -0.12 4.53
C HIS A 215 -8.93 -0.42 5.93
N GLY A 216 -9.94 -0.85 6.71
CA GLY A 216 -9.60 -1.60 7.92
C GLY A 216 -8.65 -2.75 7.68
N ILE A 217 -7.87 -3.06 8.68
CA ILE A 217 -6.87 -4.11 8.62
C ILE A 217 -6.60 -4.61 10.04
N HIS A 218 -6.49 -5.92 10.20
CA HIS A 218 -6.06 -6.45 11.47
C HIS A 218 -5.96 -7.94 11.29
N LYS A 219 -6.99 -8.71 11.77
CA LYS A 219 -6.95 -10.13 11.47
C LYS A 219 -7.33 -10.46 9.97
N LEU A 220 -7.96 -9.50 9.30
CA LEU A 220 -8.28 -9.59 7.89
C LEU A 220 -7.35 -8.56 7.22
N PHE A 221 -6.97 -8.91 5.98
CA PHE A 221 -6.08 -7.95 5.16
C PHE A 221 -6.97 -6.74 4.78
N HIS A 222 -8.19 -6.96 4.25
CA HIS A 222 -9.08 -5.85 3.89
C HIS A 222 -10.44 -6.06 4.61
N THR A 223 -10.84 -5.09 5.38
CA THR A 223 -12.18 -5.18 6.08
C THR A 223 -12.71 -3.80 6.33
N ALA A 224 -13.88 -3.65 7.01
CA ALA A 224 -14.35 -2.32 7.31
C ALA A 224 -13.45 -1.52 8.23
N PRO A 225 -13.41 -0.23 8.02
CA PRO A 225 -14.16 0.55 7.05
C PRO A 225 -13.50 0.69 5.69
N ASN A 226 -14.26 1.07 4.68
CA ASN A 226 -13.71 1.58 3.44
C ASN A 226 -13.30 3.01 3.67
N VAL A 227 -12.13 3.40 3.18
CA VAL A 227 -11.63 4.75 3.35
C VAL A 227 -11.26 5.37 1.97
N PRO A 228 -12.19 6.01 1.28
CA PRO A 228 -11.97 6.64 -0.02
C PRO A 228 -11.08 7.83 0.16
N HIS A 229 -10.34 8.14 -0.89
CA HIS A 229 -9.45 9.25 -0.83
C HIS A 229 -9.92 10.52 -1.56
N TYR A 230 -11.11 10.48 -2.15
CA TYR A 230 -11.65 11.60 -2.97
C TYR A 230 -12.75 12.33 -2.19
N ALA A 231 -13.08 13.54 -2.65
CA ALA A 231 -14.03 14.38 -1.90
C ALA A 231 -15.46 13.93 -2.10
N LYS A 232 -16.29 14.18 -1.10
CA LYS A 232 -17.75 13.92 -1.17
C LYS A 232 -18.08 12.49 -1.41
N ASN A 233 -17.28 11.58 -0.85
CA ASN A 233 -17.54 10.15 -0.97
C ASN A 233 -18.57 9.81 0.13
N LYS A 234 -19.16 8.64 0.08
CA LYS A 234 -20.23 8.32 1.07
C LYS A 234 -19.83 7.19 2.01
N ALA A 235 -18.54 7.09 2.34
CA ALA A 235 -18.08 6.12 3.28
C ALA A 235 -18.86 6.17 4.64
N VAL A 236 -19.11 5.00 5.19
CA VAL A 236 -19.88 4.86 6.42
C VAL A 236 -18.88 4.76 7.59
N GLY A 237 -19.20 5.40 8.70
CA GLY A 237 -18.47 5.17 9.91
C GLY A 237 -17.83 6.36 10.57
N VAL A 238 -17.56 6.22 11.86
CA VAL A 238 -16.97 7.28 12.66
C VAL A 238 -15.86 6.70 13.47
N MET A 239 -14.68 7.36 13.43
CA MET A 239 -13.49 6.90 14.14
C MET A 239 -13.69 6.82 15.64
N LYS A 240 -13.18 5.77 16.24
CA LYS A 240 -13.21 5.62 17.71
C LYS A 240 -11.84 5.11 18.12
N SER A 241 -11.36 5.40 19.34
CA SER A 241 -10.13 4.71 19.86
C SER A 241 -10.23 3.20 19.73
N GLY A 242 -9.17 2.59 19.22
CA GLY A 242 -9.17 1.16 19.04
C GLY A 242 -9.36 0.74 17.58
N HIS A 243 -9.83 1.66 16.75
CA HIS A 243 -9.97 1.34 15.31
C HIS A 243 -8.56 1.31 14.64
N VAL A 244 -8.43 0.32 13.75
CA VAL A 244 -7.13 0.28 12.90
C VAL A 244 -7.53 0.25 11.47
N PHE A 245 -6.84 1.08 10.66
CA PHE A 245 -7.17 1.11 9.24
C PHE A 245 -5.97 1.77 8.50
N THR A 246 -6.07 1.66 7.18
CA THR A 246 -4.97 2.35 6.39
C THR A 246 -5.54 3.59 5.67
N ILE A 247 -4.60 4.51 5.36
CA ILE A 247 -4.82 5.60 4.39
C ILE A 247 -3.72 5.48 3.34
N GLU A 248 -4.14 5.47 2.07
CA GLU A 248 -3.16 5.07 1.03
C GLU A 248 -3.42 5.82 -0.30
N PRO A 249 -3.44 7.15 -0.27
CA PRO A 249 -3.85 7.93 -1.44
C PRO A 249 -2.92 7.67 -2.67
N MET A 250 -3.60 7.51 -3.83
CA MET A 250 -2.96 7.52 -5.16
C MET A 250 -3.36 8.83 -5.89
N ILE A 251 -2.31 9.63 -6.21
CA ILE A 251 -2.50 10.92 -6.80
C ILE A 251 -1.86 10.90 -8.19
N CYS A 252 -2.49 11.64 -9.15
CA CYS A 252 -1.98 11.52 -10.58
C CYS A 252 -1.70 12.86 -11.16
N GLU A 253 -0.70 12.89 -12.03
CA GLU A 253 -0.31 14.10 -12.79
C GLU A 253 -1.39 14.59 -13.72
N GLY A 254 -2.17 13.68 -14.33
CA GLY A 254 -3.23 13.97 -15.32
C GLY A 254 -4.55 13.75 -14.69
N GLY A 255 -5.46 13.01 -15.36
CA GLY A 255 -6.72 12.69 -14.89
C GLY A 255 -6.66 11.50 -13.95
N TRP A 256 -7.77 11.30 -13.25
CA TRP A 256 -7.85 10.30 -12.18
C TRP A 256 -8.20 8.90 -12.72
N GLN A 257 -8.62 8.80 -13.99
CA GLN A 257 -9.22 7.53 -14.47
C GLN A 257 -8.14 6.44 -14.56
N ASP A 258 -8.54 5.25 -14.14
CA ASP A 258 -7.64 4.07 -14.22
C ASP A 258 -8.15 3.00 -15.12
N GLU A 259 -7.26 2.10 -15.56
CA GLU A 259 -7.67 0.83 -16.17
C GLU A 259 -6.67 -0.26 -15.71
N THR A 260 -7.01 -1.51 -16.03
CA THR A 260 -6.20 -2.60 -15.60
C THR A 260 -5.58 -3.30 -16.81
N TRP A 261 -4.30 -3.70 -16.70
CA TRP A 261 -3.59 -4.50 -17.72
C TRP A 261 -4.25 -5.89 -17.87
N PRO A 262 -3.92 -6.57 -18.98
CA PRO A 262 -4.45 -7.92 -19.27
C PRO A 262 -4.05 -8.90 -18.18
N ASP A 263 -3.03 -8.56 -17.35
CA ASP A 263 -2.68 -9.44 -16.26
C ASP A 263 -3.69 -9.50 -15.10
N GLY A 264 -4.68 -8.61 -15.18
CA GLY A 264 -5.77 -8.62 -14.21
C GLY A 264 -5.45 -7.91 -12.88
N TRP A 265 -4.25 -7.32 -12.77
CA TRP A 265 -3.78 -6.72 -11.52
C TRP A 265 -3.27 -5.25 -11.74
N THR A 266 -2.37 -5.06 -12.72
CA THR A 266 -1.67 -3.76 -12.75
C THR A 266 -2.60 -2.68 -13.17
N ALA A 267 -2.75 -1.73 -12.28
CA ALA A 267 -3.65 -0.61 -12.53
C ALA A 267 -2.80 0.56 -13.00
N VAL A 268 -3.26 1.23 -14.10
CA VAL A 268 -2.49 2.28 -14.77
C VAL A 268 -3.43 3.50 -15.05
N THR A 269 -2.81 4.67 -15.04
CA THR A 269 -3.54 5.85 -15.54
C THR A 269 -3.96 5.61 -17.00
N ARG A 270 -5.22 5.94 -17.28
CA ARG A 270 -5.74 5.83 -18.65
C ARG A 270 -5.00 6.81 -19.59
N ASP A 271 -4.51 7.93 -19.05
CA ASP A 271 -3.74 8.89 -19.88
C ASP A 271 -2.25 8.63 -19.93
N GLY A 272 -1.77 7.60 -19.18
CA GLY A 272 -0.36 7.39 -19.22
C GLY A 272 0.55 8.33 -18.45
N LYS A 273 -0.08 9.22 -17.67
CA LYS A 273 0.74 10.14 -16.89
C LYS A 273 1.12 9.47 -15.51
N ARG A 274 2.02 10.04 -14.76
CA ARG A 274 2.57 9.34 -13.52
C ARG A 274 1.53 9.45 -12.36
N SER A 275 1.65 8.43 -11.49
CA SER A 275 0.82 8.42 -10.26
C SER A 275 1.78 7.99 -9.16
N ALA A 276 1.58 8.64 -7.98
CA ALA A 276 2.36 8.23 -6.79
C ALA A 276 1.41 7.96 -5.61
N GLN A 277 1.95 7.20 -4.64
CA GLN A 277 1.12 6.72 -3.47
C GLN A 277 2.04 6.66 -2.22
N PHE A 278 1.41 6.84 -1.03
CA PHE A 278 2.02 6.50 0.25
C PHE A 278 0.88 5.83 1.09
N GLU A 279 1.32 4.99 1.99
CA GLU A 279 0.35 4.27 2.88
C GLU A 279 0.98 4.14 4.27
N HIS A 280 0.07 4.30 5.30
CA HIS A 280 0.43 3.87 6.60
C HIS A 280 -0.83 3.10 7.19
N THR A 281 -0.52 2.25 8.15
CA THR A 281 -1.57 1.57 9.00
C THR A 281 -1.58 2.42 10.32
N LEU A 282 -2.82 2.81 10.73
CA LEU A 282 -3.05 3.82 11.84
C LEU A 282 -3.89 3.10 12.86
N LEU A 283 -3.55 3.41 14.09
CA LEU A 283 -4.48 3.14 15.21
C LEU A 283 -5.00 4.41 15.84
N VAL A 284 -6.30 4.50 15.98
CA VAL A 284 -6.94 5.67 16.63
C VAL A 284 -6.79 5.53 18.16
N THR A 285 -6.35 6.64 18.75
CA THR A 285 -6.06 6.72 20.20
C THR A 285 -6.84 7.97 20.71
N ASP A 286 -6.88 8.14 22.02
CA ASP A 286 -7.62 9.30 22.52
C ASP A 286 -7.09 10.65 22.07
N THR A 287 -5.77 10.75 21.92
CA THR A 287 -5.16 12.02 21.50
C THR A 287 -5.04 12.22 19.95
N GLY A 288 -5.38 11.20 19.17
CA GLY A 288 -5.33 11.37 17.74
C GLY A 288 -5.11 9.96 17.22
N CYS A 289 -3.89 9.69 16.79
CA CYS A 289 -3.61 8.34 16.34
C CYS A 289 -2.16 7.98 16.46
N GLU A 290 -1.90 6.68 16.44
CA GLU A 290 -0.56 6.16 16.44
C GLU A 290 -0.30 5.61 15.00
N ILE A 291 0.87 6.05 14.43
CA ILE A 291 1.19 5.61 13.07
C ILE A 291 2.00 4.28 13.28
N LEU A 292 1.34 3.14 13.10
CA LEU A 292 1.97 1.86 13.48
C LEU A 292 3.19 1.51 12.57
N THR A 293 3.12 2.06 11.31
CA THR A 293 4.13 1.72 10.32
C THR A 293 5.07 2.83 10.16
N ARG A 294 5.10 3.78 11.13
CA ARG A 294 6.14 4.88 11.05
C ARG A 294 7.57 4.36 11.06
N ARG A 295 8.53 5.16 10.54
CA ARG A 295 9.92 4.96 10.94
C ARG A 295 10.21 5.33 12.39
N LEU A 296 11.02 4.51 13.07
CA LEU A 296 11.32 4.77 14.50
C LEU A 296 12.64 5.51 14.69
N ASP A 297 13.47 5.50 13.65
CA ASP A 297 14.88 5.94 13.69
C ASP A 297 15.26 6.99 12.64
N SER A 298 14.26 7.61 12.02
CA SER A 298 14.54 8.61 11.00
C SER A 298 13.31 9.45 10.77
N ALA A 299 13.48 10.74 10.67
CA ALA A 299 12.42 11.70 10.65
C ALA A 299 11.58 11.76 9.42
N ARG A 300 12.13 11.32 8.28
CA ARG A 300 11.48 11.60 7.03
C ARG A 300 11.34 10.32 6.22
N PRO A 301 10.42 10.29 5.24
CA PRO A 301 10.34 9.15 4.34
C PRO A 301 11.58 9.10 3.48
N HIS A 302 11.78 7.98 2.84
CA HIS A 302 13.06 7.74 2.09
C HIS A 302 13.30 8.74 1.01
N PHE A 303 12.31 9.21 0.28
CA PHE A 303 12.51 10.10 -0.89
C PHE A 303 13.12 11.42 -0.46
N MET A 304 13.00 11.73 0.82
N MET A 304 12.93 11.74 0.82
CA MET A 304 13.56 13.02 1.26
CA MET A 304 13.48 13.02 1.37
C MET A 304 15.06 12.95 1.44
C MET A 304 14.87 12.84 2.00
N SER A 305 15.58 11.75 1.64
CA SER A 305 16.99 11.56 2.09
C SER A 305 18.04 11.78 1.01
#